data_5SM5
#
_entry.id   5SM5
#
_cell.length_a   67.774
_cell.length_b   68.054
_cell.length_c   138.403
_cell.angle_alpha   90.000
_cell.angle_beta   90.000
_cell.angle_gamma   90.000
#
_symmetry.space_group_name_H-M   'P 21 21 21'
#
loop_
_entity.id
_entity.type
_entity.pdbx_description
1 polymer 'Proofreading exoribonuclease nsp14'
2 non-polymer 'ZINC ION'
3 non-polymer 'PHOSPHATE ION'
4 non-polymer 2-[4-(2-methoxyphenyl)piperazin-1-yl]ethanenitrile
5 water water
#
_entity_poly.entity_id   1
_entity_poly.type   'polypeptide(L)'
_entity_poly.pdbx_seq_one_letter_code
;SMLFKDCSKVITGLHPTQAPTHLSVDTKFKTEGLCVDIPGIPKDMTYRRLISMMGFKMNYQVNGYPNMFITREEAIRHVR
AWIGFDVEGCHATREAVGTNLPLQLGFSTGVNLVAVPTGYVDTPNNTDFSRVSAKPPPGDQFKHLIPLMYKGLPWNVVRI
KIVQMLSDTLKNLSDRVVFVLWAHGFELTSMKYFVKIGPERTCCLCDRRATCFSTASDTYACWHHSIGFDYVYNPFMIDV
QQWGFTGNLQSNHDLYCQVHGNAHVASCDAIMTRCLAVHECFVKRVDWTIEYPIIGDELKINAACRKVQHMVVKAALLAD
KFPVLHDIGNPKAIKCVPQADVEWKFYDAQPCSDKAYKIEELFYSYATHSDKFTDGVCLFWNCNVDRYPANSIVCRFDTR
VLSNLNLPGCDGGSLYVNKHAFHTPAFDKSAFVNLKQLPFFYYSDSPCESHGKQVVSDIDYVPLKSATCITRCNLGGAVC
RHHANEYRLYLDAYNMMISAGFSLWVYKQFDTYNLWNTFTRLQ
;
_entity_poly.pdbx_strand_id   D
#
loop_
_chem_comp.id
_chem_comp.type
_chem_comp.name
_chem_comp.formula
PO4 non-polymer 'PHOSPHATE ION' 'O4 P -3'
S5J non-polymer 2-[4-(2-methoxyphenyl)piperazin-1-yl]ethanenitrile 'C13 H17 N3 O'
ZN non-polymer 'ZINC ION' 'Zn 2'
#
# COMPACT_ATOMS: atom_id res chain seq x y z
N PRO A 20 -2.16 -21.64 -18.20
CA PRO A 20 -1.26 -20.55 -17.79
C PRO A 20 -1.65 -19.85 -16.47
N THR A 21 -2.60 -20.41 -15.70
CA THR A 21 -3.10 -19.78 -14.44
C THR A 21 -2.10 -20.05 -13.31
N HIS A 22 -2.12 -21.24 -12.70
CA HIS A 22 -1.37 -21.58 -11.45
C HIS A 22 0.05 -22.07 -11.76
N LEU A 23 0.91 -22.17 -10.76
CA LEU A 23 2.30 -22.68 -10.92
C LEU A 23 2.25 -24.20 -10.92
N SER A 24 2.58 -24.85 -12.06
CA SER A 24 2.70 -26.32 -12.14
C SER A 24 3.61 -26.80 -11.01
N VAL A 25 3.19 -27.82 -10.27
CA VAL A 25 4.05 -28.49 -9.25
C VAL A 25 5.23 -29.18 -9.93
N ASP A 26 5.14 -29.43 -11.24
CA ASP A 26 6.22 -30.10 -12.03
C ASP A 26 7.22 -29.07 -12.55
N THR A 27 7.06 -27.79 -12.22
CA THR A 27 8.09 -26.75 -12.50
C THR A 27 9.36 -27.05 -11.68
N LYS A 28 10.51 -26.73 -12.24
CA LYS A 28 11.80 -26.96 -11.54
C LYS A 28 11.97 -25.86 -10.51
N PHE A 29 12.53 -26.25 -9.38
CA PHE A 29 12.91 -25.34 -8.27
C PHE A 29 14.42 -25.45 -8.11
N LYS A 30 15.11 -24.31 -8.17
CA LYS A 30 16.59 -24.26 -8.04
C LYS A 30 16.93 -24.36 -6.55
N THR A 31 17.78 -25.33 -6.18
CA THR A 31 18.00 -25.80 -4.79
C THR A 31 19.30 -25.23 -4.23
N GLU A 32 20.03 -24.45 -5.03
CA GLU A 32 21.39 -24.01 -4.62
C GLU A 32 21.33 -23.20 -3.31
N GLY A 33 20.40 -22.23 -3.21
CA GLY A 33 20.05 -21.52 -1.96
C GLY A 33 19.78 -22.44 -0.76
N LEU A 34 19.29 -23.65 -0.98
CA LEU A 34 18.88 -24.59 0.11
C LEU A 34 20.09 -25.37 0.68
N CYS A 35 21.21 -25.42 -0.01
CA CYS A 35 22.16 -26.55 0.22
C CYS A 35 23.06 -26.32 1.45
N VAL A 36 23.01 -25.17 2.12
CA VAL A 36 23.82 -25.04 3.39
C VAL A 36 22.95 -25.50 4.58
N ASP A 37 21.66 -25.18 4.63
CA ASP A 37 20.79 -25.82 5.64
C ASP A 37 20.54 -27.29 5.30
N ILE A 38 20.43 -27.63 4.00
CA ILE A 38 20.11 -29.02 3.54
C ILE A 38 21.22 -29.53 2.64
N PRO A 39 22.38 -29.91 3.21
CA PRO A 39 23.47 -30.48 2.41
C PRO A 39 23.09 -31.77 1.67
N GLY A 40 23.43 -31.84 0.37
CA GLY A 40 23.22 -33.03 -0.46
C GLY A 40 21.91 -32.95 -1.21
N ILE A 41 21.22 -31.81 -1.12
CA ILE A 41 19.89 -31.67 -1.78
C ILE A 41 20.12 -31.84 -3.28
N PRO A 42 19.25 -32.61 -3.97
CA PRO A 42 19.39 -32.83 -5.40
C PRO A 42 19.37 -31.51 -6.16
N LYS A 43 20.20 -31.35 -7.18
CA LYS A 43 20.16 -30.16 -8.05
C LYS A 43 18.82 -30.17 -8.80
N ASP A 44 18.38 -31.36 -9.19
CA ASP A 44 17.15 -31.58 -9.99
C ASP A 44 16.00 -31.78 -9.03
N MET A 45 15.07 -30.83 -8.99
CA MET A 45 14.01 -30.76 -7.94
C MET A 45 12.77 -30.05 -8.53
N THR A 46 11.59 -30.64 -8.39
CA THR A 46 10.30 -29.98 -8.72
C THR A 46 9.64 -29.44 -7.43
N TYR A 47 8.65 -28.58 -7.59
CA TYR A 47 7.76 -28.17 -6.48
C TYR A 47 7.18 -29.43 -5.83
N ARG A 48 6.71 -30.38 -6.63
CA ARG A 48 6.08 -31.64 -6.15
C ARG A 48 7.04 -32.31 -5.16
N ARG A 49 8.30 -32.50 -5.55
CA ARG A 49 9.27 -33.18 -4.66
C ARG A 49 9.60 -32.29 -3.46
N LEU A 50 9.71 -30.97 -3.65
CA LEU A 50 10.01 -30.02 -2.54
C LEU A 50 8.87 -30.08 -1.51
N ILE A 51 7.61 -29.94 -1.93
CA ILE A 51 6.45 -29.94 -0.99
C ILE A 51 6.47 -31.26 -0.19
N SER A 52 6.70 -32.37 -0.88
CA SER A 52 6.85 -33.70 -0.26
C SER A 52 7.97 -33.69 0.78
N MET A 53 9.14 -33.17 0.41
CA MET A 53 10.30 -33.06 1.32
C MET A 53 9.89 -32.18 2.53
N MET A 54 9.01 -31.20 2.34
CA MET A 54 8.65 -30.27 3.46
C MET A 54 7.68 -30.99 4.42
N GLY A 55 7.21 -32.19 4.06
CA GLY A 55 6.39 -33.07 4.91
C GLY A 55 4.90 -32.97 4.62
N PHE A 56 4.48 -32.38 3.50
CA PHE A 56 3.07 -32.17 3.11
C PHE A 56 2.73 -33.19 2.02
N LYS A 57 1.45 -33.52 1.86
CA LYS A 57 0.97 -34.45 0.81
C LYS A 57 -0.20 -33.79 0.08
N MET A 58 -0.14 -33.68 -1.25
CA MET A 58 -1.18 -32.99 -2.06
C MET A 58 -2.17 -34.01 -2.67
N ASN A 59 -1.98 -35.32 -2.42
CA ASN A 59 -2.98 -36.41 -2.65
C ASN A 59 -3.60 -36.40 -4.06
N TYR A 60 -2.89 -35.90 -5.09
CA TYR A 60 -3.38 -35.68 -6.48
C TYR A 60 -4.73 -34.95 -6.42
N GLN A 61 -4.79 -33.87 -5.62
CA GLN A 61 -6.06 -33.19 -5.21
C GLN A 61 -6.37 -32.04 -6.18
N VAL A 62 -7.49 -32.17 -6.91
CA VAL A 62 -8.12 -31.06 -7.68
C VAL A 62 -9.19 -30.41 -6.80
N ASN A 63 -8.80 -29.59 -5.82
CA ASN A 63 -9.74 -28.93 -4.87
C ASN A 63 -9.29 -27.48 -4.61
N GLY A 64 -8.91 -26.74 -5.65
CA GLY A 64 -8.67 -25.28 -5.59
C GLY A 64 -7.32 -24.90 -4.95
N TYR A 65 -6.48 -25.85 -4.57
CA TYR A 65 -5.14 -25.62 -3.97
C TYR A 65 -4.10 -26.49 -4.68
N PRO A 66 -3.78 -26.22 -5.97
CA PRO A 66 -2.89 -27.10 -6.73
C PRO A 66 -1.43 -27.05 -6.25
N ASN A 67 -0.99 -25.93 -5.68
CA ASN A 67 0.42 -25.73 -5.31
C ASN A 67 0.49 -24.78 -4.10
N MET A 68 1.34 -25.09 -3.12
CA MET A 68 1.64 -24.18 -1.99
C MET A 68 2.34 -22.94 -2.55
N PHE A 69 3.11 -23.11 -3.62
CA PHE A 69 3.93 -22.03 -4.23
C PHE A 69 3.13 -21.43 -5.38
N ILE A 70 3.40 -20.17 -5.67
CA ILE A 70 2.61 -19.40 -6.68
C ILE A 70 3.57 -18.65 -7.60
N THR A 71 3.07 -18.29 -8.77
CA THR A 71 3.75 -17.41 -9.75
C THR A 71 3.90 -16.00 -9.15
N ARG A 72 4.93 -15.27 -9.60
CA ARG A 72 5.12 -13.81 -9.53
C ARG A 72 3.80 -13.06 -9.84
N GLU A 73 3.19 -13.31 -10.98
CA GLU A 73 1.90 -12.68 -11.39
C GLU A 73 0.88 -12.91 -10.28
N GLU A 74 0.72 -14.15 -9.82
CA GLU A 74 -0.29 -14.46 -8.76
C GLU A 74 0.10 -13.70 -7.49
N ALA A 75 1.39 -13.67 -7.11
CA ALA A 75 1.86 -12.94 -5.92
C ALA A 75 1.52 -11.45 -6.06
N ILE A 76 1.72 -10.89 -7.24
CA ILE A 76 1.47 -9.44 -7.51
C ILE A 76 -0.01 -9.16 -7.28
N ARG A 77 -0.91 -9.99 -7.83
CA ARG A 77 -2.36 -9.83 -7.57
C ARG A 77 -2.64 -9.97 -6.08
N HIS A 78 -1.78 -10.60 -5.26
CA HIS A 78 -2.06 -10.82 -3.81
C HIS A 78 -1.02 -10.11 -2.93
N VAL A 79 -0.49 -8.97 -3.37
CA VAL A 79 0.48 -8.12 -2.64
C VAL A 79 -0.02 -7.80 -1.22
N ARG A 80 -1.32 -7.59 -1.01
CA ARG A 80 -1.84 -7.25 0.33
C ARG A 80 -1.62 -8.41 1.29
N ALA A 81 -1.43 -9.62 0.75
CA ALA A 81 -1.23 -10.85 1.57
C ALA A 81 0.24 -11.04 1.93
N TRP A 82 1.19 -10.27 1.38
CA TRP A 82 2.63 -10.58 1.53
C TRP A 82 3.10 -10.42 2.97
N ILE A 83 3.72 -11.48 3.51
CA ILE A 83 4.37 -11.49 4.85
C ILE A 83 5.76 -12.10 4.65
N GLY A 84 6.79 -11.27 4.72
CA GLY A 84 8.16 -11.78 4.68
C GLY A 84 8.31 -12.78 5.80
N PHE A 85 9.03 -13.87 5.55
CA PHE A 85 9.23 -14.91 6.58
C PHE A 85 10.65 -15.44 6.41
N ASP A 86 11.35 -15.55 7.53
CA ASP A 86 12.73 -16.04 7.63
C ASP A 86 12.89 -16.82 8.93
N VAL A 87 13.67 -17.90 8.88
CA VAL A 87 14.04 -18.72 10.06
C VAL A 87 15.56 -18.77 10.12
N GLU A 88 16.12 -18.66 11.33
CA GLU A 88 17.58 -18.78 11.57
C GLU A 88 17.82 -19.79 12.69
N GLY A 89 18.71 -20.77 12.43
CA GLY A 89 19.38 -21.62 13.44
C GLY A 89 19.90 -20.76 14.57
N CYS A 90 19.50 -21.08 15.81
CA CYS A 90 19.76 -20.30 17.05
C CYS A 90 20.95 -20.93 17.79
N HIS A 91 21.24 -22.20 17.50
CA HIS A 91 22.45 -22.94 17.95
C HIS A 91 23.09 -23.65 16.74
N GLY A 98 17.23 -27.00 13.60
CA GLY A 98 16.75 -28.28 13.07
C GLY A 98 16.70 -29.37 14.13
N THR A 99 15.55 -29.49 14.82
CA THR A 99 15.16 -30.58 15.78
C THR A 99 16.14 -30.72 16.95
N ASN A 100 17.45 -30.67 16.68
CA ASN A 100 18.51 -30.59 17.72
C ASN A 100 18.34 -29.26 18.46
N LEU A 101 18.22 -28.14 17.72
CA LEU A 101 18.48 -26.77 18.23
C LEU A 101 17.24 -25.86 18.11
N PRO A 102 17.21 -24.76 18.89
CA PRO A 102 16.16 -23.75 18.80
C PRO A 102 16.18 -22.93 17.50
N LEU A 103 15.01 -22.51 17.02
CA LEU A 103 14.85 -21.74 15.76
C LEU A 103 14.24 -20.37 16.08
N GLN A 104 14.76 -19.32 15.43
CA GLN A 104 14.22 -17.95 15.47
C GLN A 104 13.32 -17.78 14.23
N LEU A 105 12.02 -17.56 14.43
CA LEU A 105 11.04 -17.29 13.35
C LEU A 105 10.88 -15.78 13.25
N GLY A 106 11.12 -15.21 12.08
CA GLY A 106 11.03 -13.75 11.92
C GLY A 106 10.00 -13.43 10.86
N PHE A 107 9.13 -12.46 11.12
CA PHE A 107 8.07 -12.02 10.18
C PHE A 107 8.29 -10.54 9.87
N SER A 108 7.84 -10.10 8.69
CA SER A 108 8.01 -8.69 8.23
C SER A 108 7.14 -7.76 9.09
N THR A 109 6.31 -8.31 9.97
CA THR A 109 5.62 -7.54 11.03
C THR A 109 6.61 -7.05 12.09
N GLY A 110 7.89 -7.48 12.07
CA GLY A 110 8.90 -7.09 13.07
C GLY A 110 8.95 -8.08 14.22
N VAL A 111 8.11 -9.10 14.22
CA VAL A 111 8.07 -10.15 15.28
C VAL A 111 9.14 -11.24 15.09
N ASN A 112 9.83 -11.60 16.17
CA ASN A 112 10.73 -12.77 16.27
C ASN A 112 10.20 -13.71 17.35
N LEU A 113 9.82 -14.94 16.99
CA LEU A 113 9.48 -16.00 17.97
C LEU A 113 10.61 -17.04 17.99
N VAL A 114 10.99 -17.50 19.18
CA VAL A 114 11.92 -18.66 19.32
C VAL A 114 11.09 -19.91 19.62
N ALA A 115 11.15 -20.89 18.71
CA ALA A 115 10.58 -22.25 18.89
C ALA A 115 11.68 -23.22 19.33
N VAL A 116 11.49 -23.92 20.45
CA VAL A 116 12.32 -25.08 20.90
C VAL A 116 11.60 -26.36 20.52
N PRO A 117 12.35 -27.44 20.22
CA PRO A 117 11.75 -28.74 19.93
C PRO A 117 11.49 -29.52 21.22
N THR A 118 12.01 -29.05 22.36
CA THR A 118 11.81 -29.65 23.71
C THR A 118 10.77 -30.77 23.66
N PRO A 147 11.13 -5.18 15.76
CA PRO A 147 12.29 -5.54 16.58
C PRO A 147 11.94 -6.53 17.72
N LEU A 148 10.66 -6.89 17.86
CA LEU A 148 10.09 -7.61 19.04
C LEU A 148 10.71 -9.01 19.15
N MET A 149 11.37 -9.30 20.29
CA MET A 149 12.19 -10.52 20.54
C MET A 149 11.64 -11.31 21.75
N TYR A 150 11.06 -12.49 21.51
CA TYR A 150 10.37 -13.35 22.53
C TYR A 150 11.26 -14.56 22.88
N LYS A 151 11.16 -15.00 24.14
CA LYS A 151 11.95 -16.13 24.73
C LYS A 151 11.45 -17.48 24.17
N GLY A 152 12.28 -18.53 24.32
CA GLY A 152 12.10 -19.86 23.70
C GLY A 152 10.88 -20.60 24.23
N LEU A 153 10.02 -21.11 23.34
CA LEU A 153 8.78 -21.84 23.71
C LEU A 153 8.51 -22.97 22.72
N PRO A 154 7.78 -24.05 23.14
CA PRO A 154 7.47 -25.14 22.23
C PRO A 154 6.52 -24.70 21.11
N TRP A 155 6.53 -25.51 20.06
CA TRP A 155 5.78 -25.25 18.81
C TRP A 155 4.28 -25.15 19.09
N ASN A 156 3.78 -25.93 20.04
CA ASN A 156 2.32 -26.02 20.30
C ASN A 156 1.84 -24.65 20.79
N VAL A 157 2.69 -23.86 21.44
CA VAL A 157 2.28 -22.47 21.85
C VAL A 157 2.69 -21.49 20.74
N VAL A 158 3.88 -21.65 20.14
CA VAL A 158 4.37 -20.73 19.07
C VAL A 158 3.32 -20.70 17.94
N ARG A 159 2.68 -21.82 17.60
CA ARG A 159 1.75 -21.84 16.44
C ARG A 159 0.50 -20.98 16.71
N ILE A 160 0.00 -20.96 17.95
CA ILE A 160 -1.13 -20.08 18.41
C ILE A 160 -0.78 -18.59 18.16
N LYS A 161 0.41 -18.17 18.57
CA LYS A 161 0.91 -16.80 18.37
C LYS A 161 0.98 -16.50 16.87
N ILE A 162 1.42 -17.46 16.05
CA ILE A 162 1.54 -17.22 14.59
C ILE A 162 0.15 -16.93 13.99
N VAL A 163 -0.88 -17.67 14.37
CA VAL A 163 -2.28 -17.49 13.86
C VAL A 163 -2.82 -16.13 14.33
N GLN A 164 -2.67 -15.79 15.61
CA GLN A 164 -3.18 -14.50 16.18
C GLN A 164 -2.53 -13.36 15.39
N MET A 165 -1.20 -13.42 15.22
CA MET A 165 -0.42 -12.34 14.59
C MET A 165 -0.84 -12.16 13.13
N LEU A 166 -0.95 -13.25 12.36
CA LEU A 166 -1.34 -13.17 10.92
C LEU A 166 -2.80 -12.68 10.78
N SER A 167 -3.69 -13.21 11.62
CA SER A 167 -5.12 -12.85 11.61
C SER A 167 -5.25 -11.32 11.84
N ASP A 168 -4.55 -10.78 12.83
CA ASP A 168 -4.65 -9.34 13.18
C ASP A 168 -4.01 -8.49 12.09
N THR A 169 -2.95 -8.96 11.43
CA THR A 169 -2.27 -8.20 10.36
C THR A 169 -3.18 -8.22 9.13
N LEU A 170 -3.81 -9.37 8.85
CA LEU A 170 -4.29 -9.62 7.46
C LEU A 170 -5.81 -9.48 7.34
N LYS A 171 -6.56 -9.53 8.43
CA LYS A 171 -8.04 -9.65 8.32
C LYS A 171 -8.65 -8.47 7.52
N ASN A 172 -8.07 -7.27 7.57
CA ASN A 172 -8.61 -6.10 6.83
C ASN A 172 -7.85 -5.88 5.53
N LEU A 173 -6.96 -6.79 5.14
CA LEU A 173 -6.10 -6.65 3.94
C LEU A 173 -6.52 -7.66 2.90
N SER A 174 -6.69 -8.93 3.26
CA SER A 174 -6.65 -10.06 2.30
C SER A 174 -7.44 -11.27 2.80
N ASP A 175 -7.89 -12.10 1.86
CA ASP A 175 -8.47 -13.45 2.07
C ASP A 175 -7.39 -14.52 2.29
N ARG A 176 -6.08 -14.19 2.26
CA ARG A 176 -5.00 -15.22 2.37
C ARG A 176 -3.72 -14.65 2.98
N VAL A 177 -2.70 -15.49 3.06
CA VAL A 177 -1.29 -15.12 3.37
C VAL A 177 -0.40 -15.63 2.24
N VAL A 178 0.56 -14.81 1.81
CA VAL A 178 1.66 -15.21 0.90
C VAL A 178 2.98 -15.03 1.67
N PHE A 179 3.62 -16.12 2.10
CA PHE A 179 4.93 -16.04 2.79
C PHE A 179 5.99 -15.73 1.73
N VAL A 180 6.66 -14.60 1.90
CA VAL A 180 7.68 -14.14 0.94
C VAL A 180 9.02 -14.57 1.55
N LEU A 181 9.72 -15.46 0.83
CA LEU A 181 10.93 -16.16 1.31
C LEU A 181 12.16 -15.73 0.49
N TRP A 182 13.31 -15.79 1.15
CA TRP A 182 14.63 -15.97 0.53
C TRP A 182 15.18 -17.28 1.10
N ALA A 183 14.72 -18.37 0.48
CA ALA A 183 14.69 -19.72 1.06
C ALA A 183 16.12 -20.23 1.17
N HIS A 184 16.53 -20.61 2.37
CA HIS A 184 17.80 -21.33 2.62
C HIS A 184 17.56 -22.67 3.32
N GLY A 185 16.32 -22.99 3.68
CA GLY A 185 15.92 -24.37 4.05
C GLY A 185 15.18 -24.47 5.37
N PHE A 186 15.73 -23.94 6.47
CA PHE A 186 15.03 -24.03 7.78
C PHE A 186 13.61 -23.43 7.72
N GLU A 187 13.36 -22.45 6.85
CA GLU A 187 12.02 -21.81 6.81
C GLU A 187 11.05 -22.83 6.22
N LEU A 188 11.44 -23.52 5.16
CA LEU A 188 10.57 -24.51 4.49
C LEU A 188 10.36 -25.73 5.40
N THR A 189 11.38 -26.19 6.10
CA THR A 189 11.25 -27.41 6.94
C THR A 189 10.57 -27.05 8.27
N SER A 190 10.29 -25.78 8.55
CA SER A 190 9.60 -25.43 9.82
C SER A 190 8.09 -25.37 9.57
N MET A 191 7.66 -25.29 8.33
CA MET A 191 6.24 -25.05 8.01
C MET A 191 5.36 -26.18 8.55
N LYS A 192 5.83 -27.40 8.52
CA LYS A 192 5.03 -28.58 8.96
C LYS A 192 4.54 -28.37 10.39
N TYR A 193 5.23 -27.53 11.16
CA TYR A 193 4.99 -27.39 12.60
C TYR A 193 3.88 -26.36 12.86
N PHE A 194 3.52 -25.50 11.89
CA PHE A 194 2.43 -24.52 12.09
C PHE A 194 1.47 -24.46 10.89
N VAL A 195 1.65 -25.28 9.86
CA VAL A 195 0.79 -25.22 8.63
C VAL A 195 0.07 -26.55 8.44
N LYS A 196 -1.20 -26.50 8.03
CA LYS A 196 -1.98 -27.65 7.54
C LYS A 196 -2.50 -27.30 6.16
N ILE A 197 -2.56 -28.24 5.25
CA ILE A 197 -3.09 -28.00 3.88
C ILE A 197 -4.20 -29.02 3.61
N GLY A 198 -4.94 -28.82 2.55
CA GLY A 198 -6.10 -29.67 2.27
C GLY A 198 -6.89 -28.97 1.19
N PRO A 199 -8.15 -29.37 1.00
CA PRO A 199 -9.00 -28.69 0.02
C PRO A 199 -9.37 -27.28 0.53
N GLU A 200 -9.55 -26.35 -0.40
CA GLU A 200 -10.15 -25.03 -0.13
C GLU A 200 -11.40 -25.26 0.69
N ARG A 201 -11.61 -24.44 1.72
CA ARG A 201 -12.77 -24.50 2.65
C ARG A 201 -13.29 -23.10 2.91
N THR A 202 -14.47 -23.02 3.53
CA THR A 202 -15.07 -21.73 3.96
C THR A 202 -14.96 -21.66 5.48
N CYS A 203 -14.95 -20.45 6.02
CA CYS A 203 -15.00 -20.18 7.47
C CYS A 203 -16.20 -20.93 8.06
N CYS A 204 -16.09 -21.42 9.29
CA CYS A 204 -17.20 -22.07 10.05
C CYS A 204 -18.27 -21.03 10.44
N LEU A 205 -17.92 -19.74 10.56
CA LEU A 205 -18.84 -18.66 11.01
C LEU A 205 -19.19 -17.68 9.87
N CYS A 206 -18.59 -17.77 8.68
CA CYS A 206 -18.91 -16.84 7.55
C CYS A 206 -18.59 -17.49 6.20
N ASP A 207 -18.60 -16.70 5.13
CA ASP A 207 -18.56 -17.17 3.73
C ASP A 207 -17.17 -17.00 3.14
N ARG A 208 -16.28 -16.35 3.88
CA ARG A 208 -14.86 -16.12 3.48
C ARG A 208 -14.10 -17.45 3.43
N ARG A 209 -13.11 -17.58 2.55
CA ARG A 209 -12.26 -18.79 2.53
C ARG A 209 -11.55 -18.90 3.90
N ALA A 210 -11.35 -20.16 4.31
CA ALA A 210 -10.65 -20.57 5.55
C ALA A 210 -9.14 -20.33 5.39
N THR A 211 -8.53 -19.71 6.40
CA THR A 211 -7.09 -19.37 6.46
C THR A 211 -6.44 -20.03 7.68
N CYS A 212 -7.23 -20.62 8.57
CA CYS A 212 -6.80 -21.15 9.90
C CYS A 212 -7.59 -22.41 10.21
N PHE A 213 -7.01 -23.28 11.03
CA PHE A 213 -7.61 -24.54 11.49
C PHE A 213 -7.38 -24.67 13.00
N SER A 214 -8.34 -25.24 13.71
CA SER A 214 -8.20 -25.53 15.16
C SER A 214 -8.20 -27.05 15.35
N THR A 215 -7.15 -27.59 15.98
CA THR A 215 -7.10 -29.02 16.38
C THR A 215 -8.03 -29.27 17.57
N ALA A 216 -8.37 -28.25 18.36
CA ALA A 216 -9.22 -28.38 19.56
C ALA A 216 -10.66 -28.70 19.16
N SER A 217 -11.19 -27.93 18.22
CA SER A 217 -12.61 -27.98 17.79
C SER A 217 -12.72 -28.71 16.45
N ASP A 218 -11.63 -28.96 15.74
CA ASP A 218 -11.67 -29.64 14.42
C ASP A 218 -12.43 -28.79 13.37
N THR A 219 -12.28 -27.47 13.41
CA THR A 219 -13.00 -26.53 12.52
C THR A 219 -12.02 -25.58 11.85
N TYR A 220 -12.55 -24.78 10.92
CA TYR A 220 -11.81 -23.89 10.01
C TYR A 220 -12.40 -22.47 10.13
N ALA A 221 -11.55 -21.46 10.07
CA ALA A 221 -11.96 -20.05 10.24
C ALA A 221 -11.24 -19.21 9.21
N CYS A 222 -11.80 -18.07 8.84
CA CYS A 222 -11.08 -16.97 8.14
C CYS A 222 -10.22 -16.18 9.15
N TRP A 223 -9.60 -15.09 8.71
CA TRP A 223 -8.74 -14.24 9.58
C TRP A 223 -9.61 -13.53 10.63
N HIS A 224 -10.86 -13.21 10.31
CA HIS A 224 -11.80 -12.49 11.25
C HIS A 224 -12.25 -13.41 12.41
N HIS A 225 -12.26 -14.74 12.26
CA HIS A 225 -12.95 -15.67 13.19
C HIS A 225 -12.01 -16.68 13.82
N SER A 226 -10.72 -16.37 13.94
CA SER A 226 -9.65 -17.37 14.12
C SER A 226 -9.21 -17.43 15.59
N ILE A 227 -9.91 -16.74 16.49
CA ILE A 227 -9.38 -16.57 17.88
C ILE A 227 -9.31 -17.95 18.55
N GLY A 228 -8.16 -18.29 19.15
CA GLY A 228 -7.94 -19.63 19.73
C GLY A 228 -7.60 -20.70 18.71
N PHE A 229 -7.48 -20.38 17.41
CA PHE A 229 -7.04 -21.35 16.37
C PHE A 229 -5.50 -21.51 16.42
N ASP A 230 -5.00 -22.69 16.03
CA ASP A 230 -3.59 -23.10 16.26
C ASP A 230 -2.85 -23.42 14.96
N TYR A 231 -3.52 -23.54 13.81
CA TYR A 231 -2.81 -23.83 12.54
C TYR A 231 -3.20 -22.86 11.44
N VAL A 232 -2.18 -22.42 10.69
CA VAL A 232 -2.33 -21.69 9.40
C VAL A 232 -2.76 -22.73 8.37
N TYR A 233 -3.82 -22.43 7.62
CA TYR A 233 -4.42 -23.40 6.69
C TYR A 233 -4.33 -22.88 5.27
N ASN A 234 -3.71 -23.68 4.38
CA ASN A 234 -3.60 -23.41 2.93
C ASN A 234 -2.96 -22.04 2.72
N PRO A 235 -1.78 -21.78 3.34
CA PRO A 235 -1.01 -20.58 3.03
C PRO A 235 -0.47 -20.70 1.61
N PHE A 236 -0.01 -19.58 1.04
CA PHE A 236 0.82 -19.52 -0.18
C PHE A 236 2.19 -18.95 0.17
N MET A 237 3.12 -19.13 -0.75
CA MET A 237 4.54 -18.81 -0.54
C MET A 237 5.19 -18.64 -1.90
N ILE A 238 6.23 -17.82 -1.93
CA ILE A 238 7.06 -17.55 -3.13
C ILE A 238 8.52 -17.40 -2.68
N ASP A 239 9.45 -18.12 -3.32
CA ASP A 239 10.90 -17.99 -3.00
C ASP A 239 11.49 -16.98 -3.96
N VAL A 240 11.87 -15.81 -3.44
CA VAL A 240 12.37 -14.66 -4.25
C VAL A 240 13.67 -15.09 -4.94
N GLN A 241 14.41 -16.00 -4.31
CA GLN A 241 15.70 -16.50 -4.83
C GLN A 241 15.49 -17.24 -6.16
N GLN A 242 14.30 -17.72 -6.49
CA GLN A 242 14.00 -18.36 -7.80
C GLN A 242 14.04 -17.34 -8.94
N TRP A 243 14.10 -16.06 -8.65
CA TRP A 243 13.91 -15.02 -9.69
C TRP A 243 15.25 -14.73 -10.37
N GLY A 244 16.34 -15.26 -9.81
CA GLY A 244 17.65 -15.26 -10.48
C GLY A 244 18.39 -14.02 -10.12
N PHE A 245 19.04 -14.05 -8.95
CA PHE A 245 19.89 -12.98 -8.39
C PHE A 245 21.29 -13.57 -8.17
N THR A 246 22.30 -12.69 -8.14
CA THR A 246 23.69 -13.00 -7.72
C THR A 246 23.90 -12.45 -6.32
N GLY A 247 24.55 -13.22 -5.45
CA GLY A 247 24.92 -12.76 -4.11
C GLY A 247 23.72 -12.79 -3.19
N ASN A 248 23.92 -12.41 -1.94
CA ASN A 248 22.99 -12.75 -0.86
C ASN A 248 21.84 -11.73 -0.80
N LEU A 249 20.96 -11.89 0.19
CA LEU A 249 19.76 -11.02 0.35
C LEU A 249 20.21 -9.58 0.59
N GLN A 250 21.08 -9.36 1.58
CA GLN A 250 21.49 -8.01 2.02
C GLN A 250 22.14 -7.26 0.86
N SER A 251 23.06 -7.89 0.14
CA SER A 251 23.74 -7.25 -1.00
C SER A 251 22.71 -6.84 -2.05
N ASN A 252 21.66 -7.62 -2.27
CA ASN A 252 20.65 -7.29 -3.32
C ASN A 252 19.66 -6.23 -2.80
N HIS A 253 19.24 -6.36 -1.54
CA HIS A 253 18.28 -5.41 -0.92
C HIS A 253 18.90 -4.01 -0.92
N ASP A 254 20.15 -3.93 -0.41
CA ASP A 254 20.89 -2.67 -0.12
C ASP A 254 21.22 -1.93 -1.42
N LEU A 255 21.16 -2.57 -2.58
CA LEU A 255 21.22 -1.86 -3.90
C LEU A 255 20.12 -0.81 -3.98
N TYR A 256 18.96 -1.04 -3.35
CA TYR A 256 17.70 -0.29 -3.61
C TYR A 256 17.18 0.46 -2.39
N CYS A 257 17.68 0.19 -1.20
CA CYS A 257 17.02 0.60 0.05
C CYS A 257 18.02 0.84 1.19
N GLN A 258 17.97 2.03 1.79
CA GLN A 258 18.90 2.48 2.87
C GLN A 258 18.13 2.55 4.18
N VAL A 259 16.87 2.11 4.21
CA VAL A 259 15.94 2.36 5.33
C VAL A 259 15.87 1.13 6.23
N HIS A 260 16.06 -0.06 5.68
CA HIS A 260 15.99 -1.33 6.43
C HIS A 260 17.40 -1.84 6.71
N GLY A 261 17.89 -1.68 7.94
CA GLY A 261 19.22 -2.18 8.34
C GLY A 261 19.19 -3.68 8.54
N ASN A 262 20.36 -4.31 8.67
CA ASN A 262 20.47 -5.73 9.07
C ASN A 262 21.01 -5.81 10.49
N ALA A 263 20.13 -6.11 11.44
CA ALA A 263 20.47 -6.36 12.85
C ALA A 263 20.89 -7.82 13.05
N HIS A 264 21.03 -8.60 11.97
CA HIS A 264 21.41 -10.04 12.02
C HIS A 264 20.38 -10.79 12.87
N VAL A 265 19.09 -10.49 12.67
CA VAL A 265 17.96 -11.22 13.32
C VAL A 265 16.90 -11.49 12.24
N ALA A 266 16.14 -12.56 12.48
CA ALA A 266 15.23 -13.20 11.51
C ALA A 266 14.26 -12.16 10.94
N SER A 267 13.63 -11.33 11.78
CA SER A 267 12.61 -10.35 11.32
C SER A 267 13.23 -9.37 10.31
N CYS A 268 14.51 -8.99 10.50
CA CYS A 268 15.24 -8.05 9.60
C CYS A 268 15.36 -8.64 8.20
N ASP A 269 15.75 -9.91 8.09
CA ASP A 269 15.78 -10.60 6.77
C ASP A 269 14.36 -10.68 6.20
N ALA A 270 13.36 -10.98 7.03
CA ALA A 270 11.95 -11.08 6.58
C ALA A 270 11.49 -9.75 5.97
N ILE A 271 11.85 -8.64 6.61
CA ILE A 271 11.54 -7.27 6.13
C ILE A 271 12.29 -7.00 4.81
N MET A 272 13.59 -7.27 4.78
CA MET A 272 14.44 -7.05 3.56
C MET A 272 13.89 -7.88 2.40
N THR A 273 13.43 -9.10 2.67
CA THR A 273 12.93 -10.05 1.65
C THR A 273 11.70 -9.43 0.98
N ARG A 274 10.70 -9.03 1.79
CA ARG A 274 9.45 -8.37 1.29
C ARG A 274 9.81 -7.07 0.52
N CYS A 275 10.76 -6.30 1.06
CA CYS A 275 11.20 -5.00 0.48
C CYS A 275 11.74 -5.28 -0.93
N LEU A 276 12.66 -6.23 -1.03
CA LEU A 276 13.26 -6.58 -2.35
C LEU A 276 12.17 -7.01 -3.32
N ALA A 277 11.24 -7.85 -2.85
CA ALA A 277 10.09 -8.34 -3.65
C ALA A 277 9.25 -7.15 -4.12
N VAL A 278 8.94 -6.20 -3.23
CA VAL A 278 8.14 -5.02 -3.62
C VAL A 278 8.93 -4.22 -4.65
N HIS A 279 10.24 -4.05 -4.44
CA HIS A 279 11.09 -3.28 -5.37
C HIS A 279 10.96 -3.91 -6.76
N GLU A 280 11.06 -5.24 -6.85
CA GLU A 280 11.09 -5.96 -8.14
C GLU A 280 9.74 -5.90 -8.86
N CYS A 281 8.64 -5.92 -8.10
CA CYS A 281 7.31 -6.12 -8.72
C CYS A 281 6.57 -4.79 -8.89
N PHE A 282 6.99 -3.73 -8.19
CA PHE A 282 6.21 -2.46 -8.09
C PHE A 282 7.03 -1.20 -8.35
N VAL A 283 8.36 -1.25 -8.22
CA VAL A 283 9.25 -0.07 -8.49
C VAL A 283 9.81 -0.23 -9.91
N LYS A 284 10.74 -1.16 -10.10
CA LYS A 284 11.42 -1.37 -11.39
C LYS A 284 10.37 -1.83 -12.42
N ARG A 285 9.55 -2.82 -12.09
CA ARG A 285 8.39 -3.25 -12.91
C ARG A 285 7.15 -2.53 -12.35
N VAL A 286 6.23 -2.10 -13.21
CA VAL A 286 4.96 -1.42 -12.82
C VAL A 286 3.85 -1.94 -13.75
N ASP A 287 2.71 -2.35 -13.19
CA ASP A 287 1.54 -2.81 -13.98
C ASP A 287 0.25 -2.17 -13.45
N TRP A 288 -0.22 -1.11 -14.10
CA TRP A 288 -1.43 -0.33 -13.72
C TRP A 288 -2.69 -0.92 -14.35
N THR A 289 -2.59 -2.04 -15.06
CA THR A 289 -3.76 -2.79 -15.57
C THR A 289 -4.36 -3.60 -14.41
N ILE A 290 -3.51 -4.19 -13.56
CA ILE A 290 -3.94 -5.10 -12.47
C ILE A 290 -4.90 -4.34 -11.55
N GLU A 291 -6.10 -4.87 -11.36
CA GLU A 291 -7.16 -4.31 -10.47
C GLU A 291 -6.96 -4.98 -9.11
N TYR A 292 -7.40 -4.36 -8.03
CA TYR A 292 -7.31 -4.91 -6.66
C TYR A 292 -8.69 -4.74 -6.05
N PRO A 293 -9.21 -5.71 -5.25
CA PRO A 293 -10.56 -5.61 -4.70
C PRO A 293 -10.74 -4.38 -3.78
N ILE A 294 -11.98 -3.92 -3.63
CA ILE A 294 -12.38 -2.86 -2.65
C ILE A 294 -12.30 -3.49 -1.26
N ILE A 295 -11.49 -2.98 -0.34
CA ILE A 295 -11.39 -3.52 1.05
C ILE A 295 -11.73 -2.46 2.10
N GLY A 296 -11.94 -1.20 1.69
CA GLY A 296 -12.25 -0.09 2.61
C GLY A 296 -12.95 1.05 1.90
N ASP A 297 -12.46 2.27 2.11
CA ASP A 297 -13.15 3.52 1.71
C ASP A 297 -12.68 4.00 0.34
N GLU A 298 -12.13 3.09 -0.47
CA GLU A 298 -11.58 3.43 -1.80
C GLU A 298 -12.52 4.41 -2.52
N LEU A 299 -13.81 4.10 -2.64
CA LEU A 299 -14.68 4.87 -3.57
C LEU A 299 -14.90 6.27 -3.02
N LYS A 300 -15.15 6.37 -1.72
CA LYS A 300 -15.39 7.65 -1.01
C LYS A 300 -14.15 8.54 -1.13
N ILE A 301 -12.95 7.98 -0.92
CA ILE A 301 -11.63 8.70 -0.95
C ILE A 301 -11.46 9.24 -2.37
N ASN A 302 -11.77 8.44 -3.39
CA ASN A 302 -11.51 8.83 -4.80
C ASN A 302 -12.45 9.98 -5.17
N ALA A 303 -13.71 9.87 -4.74
CA ALA A 303 -14.77 10.89 -4.93
C ALA A 303 -14.31 12.16 -4.23
N ALA A 304 -13.88 12.02 -2.99
CA ALA A 304 -13.39 13.13 -2.17
C ALA A 304 -12.26 13.86 -2.89
N CYS A 305 -11.35 13.11 -3.51
CA CYS A 305 -10.13 13.67 -4.14
C CYS A 305 -10.55 14.53 -5.34
N ARG A 306 -11.59 14.10 -6.05
CA ARG A 306 -12.16 14.84 -7.19
C ARG A 306 -12.86 16.10 -6.67
N LYS A 307 -13.58 16.02 -5.56
CA LYS A 307 -14.35 17.21 -5.05
C LYS A 307 -13.35 18.25 -4.55
N VAL A 308 -12.32 17.84 -3.82
CA VAL A 308 -11.30 18.78 -3.27
C VAL A 308 -10.54 19.41 -4.43
N GLN A 309 -10.22 18.63 -5.46
CA GLN A 309 -9.37 19.14 -6.55
C GLN A 309 -10.12 20.26 -7.27
N HIS A 310 -11.39 20.03 -7.63
CA HIS A 310 -12.25 21.03 -8.29
C HIS A 310 -12.32 22.27 -7.39
N MET A 311 -12.60 22.07 -6.10
CA MET A 311 -12.79 23.17 -5.12
C MET A 311 -11.54 24.05 -5.10
N VAL A 312 -10.36 23.45 -4.94
CA VAL A 312 -9.12 24.21 -4.60
C VAL A 312 -8.64 24.98 -5.85
N VAL A 313 -8.70 24.34 -7.00
CA VAL A 313 -8.21 24.93 -8.26
C VAL A 313 -9.22 25.99 -8.70
N LYS A 314 -10.52 25.69 -8.61
CA LYS A 314 -11.56 26.69 -8.89
C LYS A 314 -11.28 27.96 -8.07
N ALA A 315 -10.97 27.80 -6.79
CA ALA A 315 -10.79 28.93 -5.85
C ALA A 315 -9.51 29.71 -6.17
N ALA A 316 -8.41 29.02 -6.46
CA ALA A 316 -7.13 29.68 -6.80
C ALA A 316 -7.29 30.50 -8.10
N LEU A 317 -8.03 29.99 -9.07
CA LEU A 317 -8.24 30.73 -10.34
C LEU A 317 -9.05 32.01 -10.03
N LEU A 318 -10.10 31.91 -9.22
CA LEU A 318 -11.00 33.04 -8.87
C LEU A 318 -10.21 34.08 -8.07
N ALA A 319 -9.43 33.61 -7.10
CA ALA A 319 -8.69 34.46 -6.13
C ALA A 319 -7.52 35.19 -6.81
N ASP A 320 -6.75 34.55 -7.69
CA ASP A 320 -5.51 35.18 -8.23
C ASP A 320 -5.58 35.35 -9.75
N LYS A 321 -6.62 34.81 -10.41
CA LYS A 321 -6.97 35.09 -11.83
C LYS A 321 -5.77 34.83 -12.77
N PHE A 322 -5.04 33.75 -12.52
CA PHE A 322 -3.94 33.28 -13.41
C PHE A 322 -4.43 33.18 -14.84
N PRO A 323 -3.69 33.72 -15.82
CA PRO A 323 -4.06 33.60 -17.24
C PRO A 323 -3.75 32.20 -17.84
N VAL A 324 -2.81 31.46 -17.23
CA VAL A 324 -2.47 30.10 -17.73
C VAL A 324 -2.26 29.14 -16.54
N LEU A 325 -2.77 27.93 -16.67
CA LEU A 325 -2.51 26.83 -15.71
C LEU A 325 -1.75 25.70 -16.41
N HIS A 326 -0.63 25.24 -15.80
CA HIS A 326 0.23 24.12 -16.27
C HIS A 326 -0.09 22.88 -15.45
N ASP A 327 -0.81 21.94 -16.04
CA ASP A 327 -1.34 20.73 -15.38
C ASP A 327 -0.34 19.61 -15.65
N ILE A 328 0.50 19.30 -14.66
CA ILE A 328 1.68 18.38 -14.80
C ILE A 328 1.36 17.07 -14.09
N GLY A 329 1.31 15.97 -14.84
CA GLY A 329 1.12 14.63 -14.26
C GLY A 329 0.31 13.78 -15.19
N ASN A 330 -0.63 13.04 -14.63
CA ASN A 330 -1.29 11.92 -15.36
C ASN A 330 -1.58 12.33 -16.79
N PRO A 331 -1.11 11.56 -17.79
CA PRO A 331 -1.47 11.81 -19.19
C PRO A 331 -2.96 11.54 -19.49
N LYS A 332 -3.69 10.86 -18.62
CA LYS A 332 -5.16 10.65 -18.78
C LYS A 332 -5.94 11.84 -18.22
N ALA A 333 -5.27 12.77 -17.51
CA ALA A 333 -5.88 13.86 -16.72
C ALA A 333 -6.82 14.71 -17.59
N ILE A 334 -7.91 15.16 -16.97
CA ILE A 334 -9.01 15.97 -17.57
C ILE A 334 -9.06 17.29 -16.78
N LYS A 335 -9.45 18.39 -17.42
CA LYS A 335 -9.68 19.71 -16.80
C LYS A 335 -10.54 19.53 -15.55
N CYS A 336 -10.04 19.88 -14.35
CA CYS A 336 -10.78 19.68 -13.07
C CYS A 336 -11.78 20.82 -12.84
N VAL A 337 -11.63 21.94 -13.56
CA VAL A 337 -12.51 23.15 -13.55
C VAL A 337 -12.85 23.52 -14.99
N PRO A 338 -13.73 22.73 -15.64
CA PRO A 338 -14.00 22.87 -17.07
C PRO A 338 -14.55 24.25 -17.48
N GLN A 339 -15.14 24.99 -16.54
CA GLN A 339 -15.79 26.29 -16.84
C GLN A 339 -14.78 27.44 -16.77
N ALA A 340 -13.63 27.28 -16.13
CA ALA A 340 -12.66 28.36 -15.85
C ALA A 340 -12.16 29.00 -17.15
N ASP A 341 -11.89 30.30 -17.12
CA ASP A 341 -11.51 31.12 -18.31
C ASP A 341 -10.17 30.68 -18.91
N VAL A 342 -9.27 30.23 -18.05
CA VAL A 342 -7.78 30.17 -18.16
C VAL A 342 -7.30 29.35 -19.37
N GLU A 343 -6.07 29.63 -19.82
CA GLU A 343 -5.33 28.74 -20.77
C GLU A 343 -4.84 27.51 -20.00
N TRP A 344 -5.44 26.36 -20.28
CA TRP A 344 -5.14 25.04 -19.66
C TRP A 344 -4.22 24.20 -20.57
N LYS A 345 -2.94 24.11 -20.19
CA LYS A 345 -1.85 23.39 -20.89
C LYS A 345 -1.48 22.18 -20.03
N PHE A 346 -1.53 20.99 -20.64
CA PHE A 346 -1.24 19.69 -19.98
C PHE A 346 0.18 19.23 -20.35
N TYR A 347 0.81 18.55 -19.40
CA TYR A 347 2.16 17.97 -19.47
C TYR A 347 2.05 16.55 -18.91
N ASP A 348 2.56 15.58 -19.67
CA ASP A 348 2.42 14.12 -19.41
C ASP A 348 3.55 13.68 -18.50
N ALA A 349 3.19 13.14 -17.34
CA ALA A 349 4.14 12.43 -16.45
C ALA A 349 3.37 11.32 -15.74
N GLN A 350 3.87 10.11 -15.92
CA GLN A 350 3.38 8.91 -15.22
C GLN A 350 3.73 9.09 -13.76
N PRO A 351 2.98 8.44 -12.85
CA PRO A 351 3.33 8.38 -11.44
C PRO A 351 4.72 7.76 -11.26
N CYS A 352 5.69 8.53 -10.77
CA CYS A 352 7.06 8.03 -10.46
C CYS A 352 6.95 7.07 -9.28
N SER A 353 7.36 5.82 -9.49
CA SER A 353 7.27 4.75 -8.48
C SER A 353 8.58 4.66 -7.70
N ASP A 354 9.67 5.27 -8.18
CA ASP A 354 11.03 5.03 -7.64
C ASP A 354 11.52 6.26 -6.86
N LYS A 355 12.09 7.24 -7.57
CA LYS A 355 12.53 8.53 -7.01
C LYS A 355 11.54 9.58 -7.47
N ALA A 356 11.31 10.62 -6.66
CA ALA A 356 10.57 11.82 -7.07
C ALA A 356 11.20 12.42 -8.32
N TYR A 357 10.40 12.90 -9.27
CA TYR A 357 10.91 13.63 -10.45
C TYR A 357 11.73 14.83 -10.01
N LYS A 358 12.77 15.15 -10.78
CA LYS A 358 13.55 16.40 -10.63
C LYS A 358 12.84 17.48 -11.45
N ILE A 359 12.51 18.60 -10.79
CA ILE A 359 11.84 19.75 -11.46
C ILE A 359 12.69 20.17 -12.67
N GLU A 360 14.01 20.02 -12.58
CA GLU A 360 14.96 20.41 -13.67
C GLU A 360 14.64 19.60 -14.93
N GLU A 361 14.36 18.30 -14.79
CA GLU A 361 14.07 17.45 -15.97
C GLU A 361 12.64 17.71 -16.44
N LEU A 362 11.64 17.89 -15.55
CA LEU A 362 10.25 18.18 -16.00
C LEU A 362 10.19 19.46 -16.86
N PHE A 363 10.91 20.52 -16.45
CA PHE A 363 10.68 21.91 -16.91
C PHE A 363 11.72 22.37 -17.92
N TYR A 364 12.99 22.16 -17.62
CA TYR A 364 14.14 22.56 -18.47
C TYR A 364 14.40 21.39 -19.44
N SER A 365 15.38 21.55 -20.33
CA SER A 365 15.40 20.96 -21.69
C SER A 365 14.40 21.75 -22.56
N TYR A 366 14.18 23.02 -22.19
CA TYR A 366 13.43 24.04 -22.97
C TYR A 366 11.93 23.80 -22.80
N HIS A 369 5.89 23.37 -24.84
CA HIS A 369 5.34 23.79 -23.52
C HIS A 369 4.55 25.11 -23.67
N SER A 370 4.34 25.82 -22.56
CA SER A 370 4.31 27.31 -22.55
C SER A 370 5.75 27.79 -22.36
N ASP A 371 6.66 26.84 -22.09
CA ASP A 371 8.09 27.04 -21.78
C ASP A 371 8.18 27.82 -20.47
N LYS A 372 7.49 28.98 -20.40
CA LYS A 372 7.32 29.83 -19.19
C LYS A 372 6.28 29.17 -18.26
N PHE A 373 6.76 28.22 -17.43
CA PHE A 373 6.05 27.61 -16.28
C PHE A 373 5.95 28.62 -15.12
N THR A 374 6.73 29.70 -15.17
CA THR A 374 6.72 30.82 -14.19
C THR A 374 5.50 31.72 -14.41
N ASP A 375 4.91 31.70 -15.62
CA ASP A 375 3.61 32.36 -15.94
C ASP A 375 2.48 31.54 -15.33
N GLY A 376 1.53 32.19 -14.67
CA GLY A 376 0.30 31.58 -14.14
C GLY A 376 0.62 30.63 -13.01
N VAL A 377 -0.05 29.47 -12.98
CA VAL A 377 0.10 28.52 -11.86
C VAL A 377 0.36 27.10 -12.38
N CYS A 378 1.08 26.32 -11.59
CA CYS A 378 1.41 24.92 -11.87
C CYS A 378 0.59 24.04 -10.93
N LEU A 379 -0.14 23.08 -11.51
CA LEU A 379 -0.96 22.10 -10.76
C LEU A 379 -0.21 20.76 -10.79
N PHE A 380 0.27 20.32 -9.63
CA PHE A 380 0.87 18.98 -9.43
C PHE A 380 -0.07 18.15 -8.58
N TRP A 381 -1.03 17.48 -9.22
CA TRP A 381 -2.01 16.63 -8.51
C TRP A 381 -1.52 15.18 -8.52
N ASN A 382 -0.90 14.79 -7.41
CA ASN A 382 -0.18 13.49 -7.22
C ASN A 382 0.89 13.32 -8.29
N CYS A 383 1.63 14.38 -8.59
CA CYS A 383 2.85 14.34 -9.42
C CYS A 383 4.03 14.72 -8.52
N ASN A 384 4.76 13.73 -8.02
CA ASN A 384 5.75 13.87 -6.90
C ASN A 384 7.07 14.38 -7.46
N VAL A 385 7.46 15.59 -7.09
CA VAL A 385 8.74 16.20 -7.56
C VAL A 385 9.59 16.49 -6.34
N ASP A 386 10.88 16.70 -6.58
CA ASP A 386 11.87 16.92 -5.50
C ASP A 386 11.60 18.27 -4.80
N ARG A 387 11.23 19.30 -5.57
CA ARG A 387 11.07 20.70 -5.09
C ARG A 387 10.08 21.42 -6.01
N TYR A 388 8.91 21.76 -5.48
CA TYR A 388 7.85 22.46 -6.24
C TYR A 388 8.25 23.92 -6.40
N PRO A 389 7.94 24.50 -7.56
CA PRO A 389 8.11 25.93 -7.75
C PRO A 389 7.11 26.70 -6.87
N ALA A 390 7.40 27.96 -6.58
CA ALA A 390 6.59 28.84 -5.69
C ALA A 390 5.15 28.96 -6.23
N ASN A 391 4.94 29.00 -7.55
CA ASN A 391 3.60 29.22 -8.15
C ASN A 391 2.87 27.88 -8.40
N SER A 392 2.73 27.04 -7.35
CA SER A 392 2.15 25.68 -7.47
C SER A 392 0.92 25.49 -6.58
N ILE A 393 0.03 24.61 -7.04
CA ILE A 393 -1.05 23.93 -6.28
C ILE A 393 -0.65 22.46 -6.25
N VAL A 394 -0.60 21.83 -5.09
CA VAL A 394 -0.01 20.47 -4.94
C VAL A 394 -0.89 19.59 -4.07
N CYS A 395 -1.18 18.40 -4.56
CA CYS A 395 -1.61 17.23 -3.75
C CYS A 395 -0.46 16.23 -3.73
N ARG A 396 0.00 15.82 -2.55
CA ARG A 396 1.15 14.91 -2.38
C ARG A 396 0.79 13.86 -1.34
N PHE A 397 0.86 12.58 -1.72
CA PHE A 397 0.56 11.43 -0.83
C PHE A 397 1.67 11.34 0.22
N ASP A 398 1.27 11.31 1.48
CA ASP A 398 2.20 11.15 2.62
C ASP A 398 2.32 9.65 2.90
N THR A 399 3.49 9.11 2.53
CA THR A 399 3.81 7.66 2.57
C THR A 399 3.81 7.17 4.03
N ARG A 400 3.95 8.04 5.04
CA ARG A 400 4.02 7.64 6.46
C ARG A 400 2.64 7.26 7.01
N VAL A 401 1.55 7.52 6.29
CA VAL A 401 0.17 7.32 6.82
C VAL A 401 -0.06 5.85 7.10
N LEU A 402 -0.60 5.51 8.29
CA LEU A 402 -1.09 4.14 8.62
C LEU A 402 -2.52 3.96 8.09
N SER A 403 -2.74 3.04 7.14
CA SER A 403 -4.09 2.64 6.67
C SER A 403 -4.05 1.24 6.07
N ASN A 404 -5.22 0.70 5.76
CA ASN A 404 -5.39 -0.62 5.12
C ASN A 404 -5.01 -0.52 3.64
N LEU A 405 -5.03 0.68 3.06
CA LEU A 405 -4.73 0.87 1.61
C LEU A 405 -3.21 1.00 1.39
N ASN A 406 -2.50 1.48 2.42
CA ASN A 406 -1.07 1.87 2.32
C ASN A 406 -0.20 0.77 2.94
N LEU A 407 0.55 0.07 2.10
CA LEU A 407 1.44 -1.04 2.51
C LEU A 407 2.86 -0.48 2.59
N PRO A 408 3.68 -0.98 3.53
CA PRO A 408 5.08 -0.55 3.64
C PRO A 408 5.82 -0.83 2.33
N GLY A 409 6.69 0.07 1.93
CA GLY A 409 7.33 -0.03 0.62
C GLY A 409 8.84 -0.04 0.75
N CYS A 410 9.51 0.34 -0.34
N CYS A 410 9.49 0.32 -0.36
CA CYS A 410 10.98 0.25 -0.54
CA CYS A 410 10.97 0.29 -0.54
C CYS A 410 11.60 1.64 -0.39
C CYS A 410 11.55 1.69 -0.31
N ASP A 411 12.64 1.73 0.47
CA ASP A 411 13.48 2.92 0.65
C ASP A 411 12.64 4.08 1.19
N GLY A 412 11.75 3.81 2.13
CA GLY A 412 10.93 4.85 2.81
C GLY A 412 9.63 5.14 2.07
N GLY A 413 9.52 4.68 0.82
CA GLY A 413 8.30 4.81 0.02
C GLY A 413 7.28 3.82 0.52
N SER A 414 6.06 3.90 0.01
CA SER A 414 4.94 3.07 0.49
C SER A 414 4.20 2.59 -0.76
N LEU A 415 3.50 1.46 -0.62
CA LEU A 415 2.75 0.87 -1.74
C LEU A 415 1.28 1.16 -1.47
N TYR A 416 0.74 2.14 -2.17
CA TYR A 416 -0.65 2.61 -1.98
C TYR A 416 -1.52 1.81 -2.93
N VAL A 417 -2.43 1.00 -2.40
CA VAL A 417 -3.23 0.09 -3.24
C VAL A 417 -4.69 0.52 -3.08
N ASN A 418 -5.22 1.10 -4.14
CA ASN A 418 -6.59 1.64 -4.27
C ASN A 418 -6.97 1.49 -5.73
N LYS A 419 -7.71 0.42 -6.03
CA LYS A 419 -8.05 -0.08 -7.39
C LYS A 419 -6.77 -0.58 -8.09
N HIS A 420 -5.73 0.27 -8.22
CA HIS A 420 -4.38 -0.07 -8.75
C HIS A 420 -3.34 0.05 -7.63
N ALA A 421 -2.14 -0.49 -7.85
CA ALA A 421 -1.01 -0.42 -6.89
C ALA A 421 -0.03 0.65 -7.39
N PHE A 422 0.24 1.67 -6.57
CA PHE A 422 1.15 2.81 -6.88
C PHE A 422 2.25 2.83 -5.84
N HIS A 423 3.44 2.31 -6.14
CA HIS A 423 4.59 2.49 -5.22
C HIS A 423 4.92 3.98 -5.23
N THR A 424 5.01 4.63 -4.06
CA THR A 424 5.14 6.11 -3.95
C THR A 424 6.44 6.43 -3.20
N PRO A 425 7.29 7.31 -3.77
CA PRO A 425 8.56 7.67 -3.14
C PRO A 425 8.33 8.34 -1.79
N ALA A 426 9.25 8.13 -0.85
CA ALA A 426 9.17 8.63 0.55
C ALA A 426 8.72 10.11 0.57
N PHE A 427 7.73 10.41 1.41
CA PHE A 427 7.33 11.80 1.72
C PHE A 427 8.56 12.60 2.23
N ASP A 428 8.73 13.81 1.69
CA ASP A 428 9.88 14.70 1.98
C ASP A 428 9.35 16.14 2.14
N LYS A 429 9.30 16.63 3.39
CA LYS A 429 8.84 18.00 3.75
C LYS A 429 9.62 19.06 2.95
N SER A 430 10.89 18.84 2.63
CA SER A 430 11.72 19.85 1.94
C SER A 430 11.20 20.09 0.52
N ALA A 431 10.36 19.22 -0.03
CA ALA A 431 9.78 19.41 -1.39
C ALA A 431 8.92 20.68 -1.42
N PHE A 432 8.41 21.09 -0.26
CA PHE A 432 7.32 22.09 -0.10
C PHE A 432 7.86 23.43 0.43
N VAL A 433 9.18 23.65 0.40
CA VAL A 433 9.82 24.87 1.00
C VAL A 433 9.25 26.12 0.35
N ASN A 434 8.91 26.11 -0.94
CA ASN A 434 8.42 27.35 -1.61
C ASN A 434 6.91 27.55 -1.37
N LEU A 435 6.26 26.65 -0.65
CA LEU A 435 4.78 26.68 -0.54
C LEU A 435 4.41 26.76 0.94
N LYS A 436 3.10 26.84 1.20
CA LYS A 436 2.54 26.63 2.55
C LYS A 436 1.44 25.58 2.45
N GLN A 437 1.08 25.02 3.59
CA GLN A 437 -0.07 24.12 3.73
C GLN A 437 -1.31 24.89 3.30
N LEU A 438 -2.19 24.27 2.53
CA LEU A 438 -3.46 24.87 2.11
C LEU A 438 -4.43 24.72 3.27
N PRO A 439 -5.02 25.82 3.79
CA PRO A 439 -5.97 25.71 4.88
C PRO A 439 -7.30 25.17 4.33
N PHE A 440 -8.08 24.47 5.16
CA PHE A 440 -9.46 24.02 4.84
C PHE A 440 -10.33 25.25 4.56
N PHE A 441 -11.16 25.17 3.52
CA PHE A 441 -12.24 26.14 3.24
C PHE A 441 -13.22 25.48 2.28
N TYR A 442 -14.46 25.98 2.30
CA TYR A 442 -15.52 25.64 1.33
C TYR A 442 -15.91 26.91 0.59
N TYR A 443 -15.97 26.86 -0.74
CA TYR A 443 -16.38 28.02 -1.57
C TYR A 443 -17.52 27.56 -2.49
N SER A 444 -18.56 28.37 -2.59
CA SER A 444 -19.66 28.15 -3.56
C SER A 444 -20.25 29.48 -3.99
N ASP A 445 -20.49 29.60 -5.28
CA ASP A 445 -21.23 30.69 -5.96
C ASP A 445 -22.60 30.14 -6.36
N SER A 446 -22.92 28.89 -6.01
CA SER A 446 -24.24 28.29 -6.33
C SER A 446 -25.31 29.11 -5.62
N PRO A 447 -26.53 29.21 -6.18
CA PRO A 447 -27.61 29.93 -5.50
C PRO A 447 -27.99 29.27 -4.16
N CYS A 448 -28.42 30.09 -3.20
CA CYS A 448 -28.98 29.65 -1.90
C CYS A 448 -30.40 29.14 -2.18
N GLU A 449 -30.63 27.85 -2.05
CA GLU A 449 -31.79 27.20 -2.70
C GLU A 449 -31.77 25.70 -2.36
N SER A 450 -32.67 25.29 -1.46
CA SER A 450 -32.73 23.94 -0.83
C SER A 450 -33.05 22.85 -1.87
N HIS A 451 -34.35 22.61 -2.15
CA HIS A 451 -34.85 21.49 -3.01
C HIS A 451 -34.93 20.15 -2.25
N GLY A 452 -35.94 19.32 -2.56
CA GLY A 452 -35.92 17.86 -2.35
C GLY A 452 -36.41 17.42 -0.98
N ILE A 459 -31.73 14.95 5.44
CA ILE A 459 -31.12 16.22 5.94
C ILE A 459 -31.92 16.69 7.17
N ASP A 460 -31.33 16.61 8.37
CA ASP A 460 -31.81 17.27 9.63
C ASP A 460 -30.70 18.20 10.17
N TYR A 461 -31.07 19.28 10.87
CA TYR A 461 -30.35 20.58 10.86
C TYR A 461 -30.04 21.12 12.27
N VAL A 462 -28.79 21.60 12.43
CA VAL A 462 -28.38 22.71 13.35
C VAL A 462 -27.85 23.83 12.45
N PRO A 463 -28.14 25.13 12.68
CA PRO A 463 -27.66 26.19 11.81
C PRO A 463 -26.12 26.22 11.84
N LEU A 464 -25.48 26.39 10.68
CA LEU A 464 -24.01 26.39 10.58
C LEU A 464 -23.50 27.80 10.83
N LYS A 465 -22.48 27.90 11.67
CA LYS A 465 -21.61 29.10 11.77
C LYS A 465 -20.17 28.67 11.49
N SER A 466 -19.53 29.26 10.49
CA SER A 466 -18.11 28.99 10.13
C SER A 466 -17.54 30.20 9.41
N ALA A 467 -16.40 30.70 9.86
CA ALA A 467 -15.55 31.66 9.13
C ALA A 467 -15.12 31.09 7.76
N THR A 468 -15.13 29.76 7.56
CA THR A 468 -14.53 29.12 6.35
C THR A 468 -15.61 28.63 5.37
N CYS A 469 -16.86 29.05 5.54
CA CYS A 469 -17.97 28.76 4.59
C CYS A 469 -18.09 29.99 3.70
N ILE A 470 -17.40 29.98 2.56
CA ILE A 470 -17.29 31.22 1.71
C ILE A 470 -18.43 31.22 0.69
N THR A 471 -19.55 31.85 1.07
CA THR A 471 -20.82 31.88 0.28
C THR A 471 -21.47 33.26 0.43
N ARG A 472 -22.32 33.66 -0.53
CA ARG A 472 -23.15 34.89 -0.52
C ARG A 472 -23.89 34.96 0.81
N CYS A 473 -24.48 33.86 1.26
CA CYS A 473 -25.33 33.82 2.48
C CYS A 473 -24.48 34.13 3.70
N ASN A 474 -23.24 33.66 3.76
CA ASN A 474 -22.37 33.90 4.93
C ASN A 474 -21.82 35.34 4.85
N LEU A 475 -21.66 35.85 3.63
CA LEU A 475 -21.31 37.28 3.43
C LEU A 475 -22.46 38.10 4.04
N GLY A 476 -23.70 37.70 3.72
CA GLY A 476 -24.96 38.27 4.23
C GLY A 476 -25.18 38.08 5.73
N GLY A 477 -24.38 37.25 6.41
CA GLY A 477 -24.42 37.11 7.88
C GLY A 477 -25.16 35.89 8.41
N ALA A 478 -25.86 35.12 7.57
CA ALA A 478 -26.59 33.87 7.92
C ALA A 478 -26.47 32.81 6.82
N VAL A 479 -25.76 31.69 7.08
CA VAL A 479 -25.58 30.56 6.11
C VAL A 479 -26.93 29.87 5.81
N CYS A 480 -27.33 29.79 4.54
CA CYS A 480 -28.59 29.12 4.11
C CYS A 480 -28.48 27.59 4.30
N ARG A 481 -29.61 26.87 4.34
CA ARG A 481 -29.62 25.40 4.65
C ARG A 481 -28.85 24.64 3.55
N HIS A 482 -29.08 24.96 2.27
CA HIS A 482 -28.37 24.35 1.13
C HIS A 482 -26.85 24.42 1.37
N HIS A 483 -26.30 25.62 1.57
CA HIS A 483 -24.83 25.79 1.68
C HIS A 483 -24.31 25.15 2.97
N ALA A 484 -25.14 25.03 4.00
CA ALA A 484 -24.79 24.36 5.27
C ALA A 484 -24.62 22.86 5.01
N ASN A 485 -25.56 22.24 4.30
CA ASN A 485 -25.53 20.80 3.93
C ASN A 485 -24.30 20.50 3.10
N GLU A 486 -24.07 21.33 2.08
CA GLU A 486 -22.95 21.21 1.11
C GLU A 486 -21.64 21.44 1.86
N TYR A 487 -21.59 22.39 2.78
CA TYR A 487 -20.37 22.68 3.56
C TYR A 487 -20.02 21.40 4.31
N ARG A 488 -21.03 20.77 4.93
CA ARG A 488 -20.80 19.66 5.88
C ARG A 488 -20.37 18.40 5.10
N LEU A 489 -20.95 18.19 3.92
CA LEU A 489 -20.56 17.10 3.01
C LEU A 489 -19.11 17.30 2.53
N TYR A 490 -18.75 18.54 2.19
CA TYR A 490 -17.39 18.85 1.67
C TYR A 490 -16.35 18.68 2.77
N LEU A 491 -16.66 19.12 3.98
CA LEU A 491 -15.74 18.95 5.13
C LEU A 491 -15.51 17.44 5.40
N ASP A 492 -16.55 16.61 5.26
CA ASP A 492 -16.45 15.14 5.48
C ASP A 492 -15.52 14.56 4.41
N ALA A 493 -15.75 14.92 3.16
CA ALA A 493 -14.94 14.49 2.00
C ALA A 493 -13.48 14.91 2.25
N TYR A 494 -13.26 16.16 2.60
CA TYR A 494 -11.92 16.71 2.86
C TYR A 494 -11.24 15.90 3.96
N ASN A 495 -11.95 15.64 5.07
CA ASN A 495 -11.40 14.87 6.21
C ASN A 495 -11.04 13.43 5.75
N MET A 496 -11.87 12.84 4.90
CA MET A 496 -11.68 11.47 4.39
C MET A 496 -10.31 11.41 3.70
N MET A 497 -10.12 12.32 2.75
CA MET A 497 -8.95 12.46 1.86
C MET A 497 -7.67 12.68 2.70
N ILE A 498 -7.77 13.50 3.73
CA ILE A 498 -6.60 13.88 4.57
C ILE A 498 -6.21 12.66 5.40
N SER A 499 -7.20 12.04 5.99
CA SER A 499 -7.04 10.83 6.82
C SER A 499 -6.47 9.70 5.94
N ALA A 500 -6.80 9.64 4.66
CA ALA A 500 -6.26 8.63 3.71
C ALA A 500 -4.77 8.90 3.43
N GLY A 501 -4.25 10.08 3.77
CA GLY A 501 -2.81 10.41 3.72
C GLY A 501 -2.45 11.49 2.70
N PHE A 502 -3.41 12.04 1.96
CA PHE A 502 -3.12 13.15 1.02
C PHE A 502 -2.86 14.42 1.82
N SER A 503 -1.93 15.23 1.34
CA SER A 503 -1.56 16.53 1.94
C SER A 503 -1.65 17.57 0.82
N LEU A 504 -2.08 18.80 1.14
CA LEU A 504 -2.38 19.86 0.14
C LEU A 504 -1.49 21.06 0.45
N TRP A 505 -0.85 21.60 -0.58
CA TRP A 505 0.09 22.73 -0.44
C TRP A 505 -0.24 23.75 -1.53
N VAL A 506 0.06 25.02 -1.27
CA VAL A 506 -0.32 26.12 -2.18
C VAL A 506 0.71 27.26 -2.12
N TYR A 507 0.76 28.04 -3.18
CA TYR A 507 1.60 29.25 -3.30
C TYR A 507 1.28 30.14 -2.10
N LYS A 508 2.29 30.84 -1.56
CA LYS A 508 2.21 31.57 -0.27
C LYS A 508 1.18 32.71 -0.34
N GLN A 509 0.99 33.36 -1.47
CA GLN A 509 0.03 34.48 -1.66
C GLN A 509 -1.43 33.99 -1.59
N PHE A 510 -1.71 32.68 -1.62
CA PHE A 510 -3.12 32.23 -1.61
C PHE A 510 -3.82 32.73 -0.34
N ASP A 511 -4.94 33.42 -0.53
CA ASP A 511 -5.72 34.04 0.58
C ASP A 511 -7.20 33.91 0.27
N THR A 512 -7.96 33.18 1.10
CA THR A 512 -9.43 33.00 0.88
C THR A 512 -10.15 34.34 1.03
N TYR A 513 -9.52 35.35 1.64
CA TYR A 513 -10.15 36.69 1.79
C TYR A 513 -10.49 37.21 0.39
N ASN A 514 -9.70 36.80 -0.62
CA ASN A 514 -9.84 37.32 -2.00
C ASN A 514 -11.08 36.71 -2.66
N LEU A 515 -11.69 35.66 -2.11
CA LEU A 515 -12.89 35.02 -2.73
C LEU A 515 -14.18 35.80 -2.41
N TRP A 516 -14.20 36.61 -1.35
CA TRP A 516 -15.47 37.23 -0.89
C TRP A 516 -16.02 38.18 -1.96
N ASN A 517 -15.16 38.86 -2.71
CA ASN A 517 -15.54 39.88 -3.74
C ASN A 517 -15.92 39.20 -5.06
N THR A 518 -15.92 37.86 -5.16
CA THR A 518 -16.39 37.12 -6.37
C THR A 518 -17.92 37.00 -6.33
N PHE A 519 -18.54 37.51 -5.28
CA PHE A 519 -19.95 37.95 -5.21
C PHE A 519 -19.98 39.35 -4.52
N THR A 520 -20.77 40.29 -5.06
CA THR A 520 -20.91 41.68 -4.51
C THR A 520 -22.35 42.18 -4.68
ZN ZN B . 14.24 -2.17 2.36
ZN ZN C . -26.42 29.99 0.68
ZN ZN D . -15.19 -16.07 9.00
P PO4 E . -5.96 -10.22 -1.97
O1 PO4 E . -5.99 -11.09 -3.21
O2 PO4 E . -6.06 -8.75 -2.43
O3 PO4 E . -7.16 -10.60 -1.09
O4 PO4 E . -4.66 -10.41 -1.21
P PO4 F . -22.24 23.51 -4.45
O1 PO4 F . -21.79 22.45 -5.45
O2 PO4 F . -21.55 24.83 -4.82
O3 PO4 F . -21.81 23.10 -3.04
O4 PO4 F . -23.78 23.65 -4.52
N1 S5J G . -11.99 15.85 -12.21
C4 S5J G . -16.76 20.10 -12.33
C5 S5J G . -15.66 19.27 -12.52
C6 S5J G . -15.42 18.23 -11.65
C7 S5J G . -14.17 16.60 -13.02
C8 S5J G . -12.72 16.37 -13.38
C10 S5J G . -13.36 17.20 -10.71
N S5J G . -14.33 17.40 -11.80
C S5J G . -16.43 16.91 -8.40
O S5J G . -16.02 16.92 -9.76
C1 S5J G . -16.31 17.99 -10.57
C11 S5J G . -10.68 15.33 -12.55
C12 S5J G . -10.64 13.87 -12.34
C2 S5J G . -17.41 18.82 -10.40
C3 S5J G . -17.63 19.87 -11.29
C9 S5J G . -11.97 16.90 -11.18
N2 S5J G . -10.83 12.73 -12.13
#